data_2ICI
#
_entry.id   2ICI
#
_cell.length_a   30.864
_cell.length_b   80.441
_cell.length_c   43.054
_cell.angle_alpha   90.000
_cell.angle_beta   99.510
_cell.angle_gamma   90.000
#
_symmetry.space_group_name_H-M   'P 1 21 1'
#
loop_
_entity.id
_entity.type
_entity.pdbx_description
1 polymer 'Exotoxin I'
2 non-polymer 'MAGNESIUM ION'
3 water water
#
_entity_poly.entity_id   1
_entity_poly.type   'polypeptide(L)'
_entity_poly.pdbx_seq_one_letter_code
;YE(MSE)SSVGVINLRN(MSE)YSTYDPTEVKGKINEGPPFSGSLFYKNIPYGNSSIELKVE(MSE)NSVEKANFFSGKR
VDIFTLEYSPPSNSNIKKNSYGGITLSDGNRIDKKNIPVNIFIDGVQQKYSYTDISTVSTDKKEVTIQELDVKSRYYLQK
HFNIYGFGDVKDFGRSSRFQSGFEEGNIIFHLNSGERISYN(MSE)FDTGHGDRES(MSE)LKKYSDNKTAYSDQLHIDI
YLVKFNK
;
_entity_poly.pdbx_strand_id   A
#
loop_
_chem_comp.id
_chem_comp.type
_chem_comp.name
_chem_comp.formula
MG non-polymer 'MAGNESIUM ION' 'Mg 2'
#
# COMPACT_ATOMS: atom_id res chain seq x y z
N TYR A 1 17.84 -14.03 -11.95
CA TYR A 1 16.36 -13.78 -11.80
C TYR A 1 15.97 -12.31 -11.85
N GLU A 2 16.82 -11.41 -11.36
CA GLU A 2 16.49 -9.98 -11.40
C GLU A 2 16.49 -9.45 -12.82
N MSE A 3 17.38 -9.98 -13.65
CA MSE A 3 17.44 -9.49 -15.02
C MSE A 3 16.23 -9.93 -15.83
O MSE A 3 15.68 -9.13 -16.59
CB MSE A 3 18.72 -9.96 -15.72
CG MSE A 3 18.97 -9.24 -17.03
SE MSE A 3 20.41 -10.08 -17.97
CE MSE A 3 19.47 -11.70 -18.57
N SER A 4 15.82 -11.19 -15.66
CA SER A 4 14.80 -11.79 -16.52
C SER A 4 13.42 -11.96 -15.88
N SER A 5 13.31 -11.66 -14.59
CA SER A 5 12.04 -11.73 -13.87
C SER A 5 11.98 -10.66 -12.78
N VAL A 6 12.23 -9.41 -13.18
CA VAL A 6 12.40 -8.31 -12.24
C VAL A 6 11.11 -8.00 -11.50
N GLY A 7 9.98 -8.26 -12.15
CA GLY A 7 8.66 -7.95 -11.57
C GLY A 7 8.41 -8.69 -10.26
N VAL A 8 8.75 -9.98 -10.25
CA VAL A 8 8.64 -10.77 -9.03
C VAL A 8 9.47 -10.16 -7.88
N ILE A 9 10.71 -9.79 -8.19
CA ILE A 9 11.62 -9.24 -7.18
C ILE A 9 11.17 -7.87 -6.71
N ASN A 10 10.72 -7.03 -7.65
CA ASN A 10 10.19 -5.70 -7.32
C ASN A 10 8.92 -5.77 -6.48
N LEU A 11 8.01 -6.67 -6.84
CA LEU A 11 6.79 -6.85 -6.06
C LEU A 11 7.12 -7.36 -4.66
N ARG A 12 7.98 -8.37 -4.59
CA ARG A 12 8.49 -8.88 -3.32
C ARG A 12 9.06 -7.77 -2.45
N ASN A 13 9.91 -6.94 -3.04
CA ASN A 13 10.55 -5.88 -2.27
C ASN A 13 9.59 -4.76 -1.86
N MSE A 14 8.52 -4.57 -2.62
CA MSE A 14 7.54 -3.53 -2.33
C MSE A 14 6.86 -3.73 -0.99
O MSE A 14 6.62 -2.76 -0.25
CB MSE A 14 6.48 -3.48 -3.44
CG MSE A 14 5.49 -2.32 -3.33
SE MSE A 14 4.38 -2.20 -4.93
CE MSE A 14 5.81 -2.84 -6.10
N TYR A 15 6.56 -4.99 -0.66
CA TYR A 15 5.69 -5.25 0.49
C TYR A 15 6.33 -6.07 1.60
N SER A 16 7.54 -6.58 1.39
CA SER A 16 8.14 -7.47 2.39
C SER A 16 8.71 -6.78 3.62
N THR A 17 9.10 -5.53 3.49
CA THR A 17 9.56 -4.75 4.63
C THR A 17 8.57 -3.63 4.88
N TYR A 18 8.49 -3.17 6.12
CA TYR A 18 7.51 -2.14 6.45
C TYR A 18 8.18 -0.78 6.70
N ASP A 19 8.22 0.05 5.67
CA ASP A 19 8.83 1.39 5.78
C ASP A 19 8.10 2.37 4.88
N PRO A 20 6.79 2.58 5.14
CA PRO A 20 6.04 3.50 4.31
C PRO A 20 6.52 4.93 4.53
N THR A 21 6.33 5.78 3.52
CA THR A 21 6.57 7.19 3.68
C THR A 21 5.32 7.82 4.26
N GLU A 22 5.49 8.42 5.44
CA GLU A 22 4.38 8.98 6.20
C GLU A 22 4.66 10.40 6.63
N VAL A 23 3.67 11.27 6.45
CA VAL A 23 3.73 12.64 6.99
C VAL A 23 2.41 12.93 7.72
N LYS A 24 2.46 13.71 8.79
CA LYS A 24 1.26 14.03 9.56
C LYS A 24 0.96 15.52 9.55
N GLY A 25 -0.21 15.90 9.04
CA GLY A 25 -0.70 17.27 9.13
C GLY A 25 0.06 18.32 8.34
N LYS A 26 0.51 17.98 7.13
CA LYS A 26 1.33 18.86 6.33
C LYS A 26 0.53 19.50 5.19
N ILE A 27 0.97 20.67 4.75
CA ILE A 27 0.34 21.36 3.61
C ILE A 27 1.32 21.38 2.43
N ASN A 28 0.81 21.16 1.23
CA ASN A 28 1.66 21.20 0.04
C ASN A 28 2.24 22.59 -0.19
N GLU A 29 3.40 22.61 -0.82
CA GLU A 29 4.14 23.83 -1.08
C GLU A 29 3.73 24.39 -2.43
N GLY A 30 3.24 25.64 -2.44
CA GLY A 30 2.90 26.34 -3.67
C GLY A 30 1.66 25.75 -4.33
N PRO A 31 1.39 26.15 -5.57
CA PRO A 31 0.19 25.63 -6.20
C PRO A 31 0.36 24.16 -6.66
N PRO A 32 -0.77 23.46 -6.87
CA PRO A 32 -0.61 22.13 -7.46
C PRO A 32 -0.07 22.20 -8.89
N PHE A 33 0.61 21.15 -9.31
CA PHE A 33 1.15 21.01 -10.67
C PHE A 33 0.27 19.99 -11.38
N SER A 34 -0.79 20.44 -12.04
CA SER A 34 -1.80 19.55 -12.64
C SER A 34 -2.37 18.58 -11.58
N GLY A 35 -2.07 17.29 -11.70
CA GLY A 35 -2.57 16.30 -10.76
C GLY A 35 -1.65 16.05 -9.57
N SER A 36 -0.58 16.83 -9.47
CA SER A 36 0.45 16.54 -8.46
C SER A 36 0.63 17.64 -7.41
N LEU A 37 0.99 17.24 -6.20
CA LEU A 37 1.23 18.14 -5.08
C LEU A 37 2.62 17.86 -4.55
N PHE A 38 3.36 18.91 -4.17
CA PHE A 38 4.72 18.74 -3.60
C PHE A 38 4.77 18.98 -2.10
N TYR A 39 5.51 18.12 -1.39
CA TYR A 39 5.72 18.28 0.05
C TYR A 39 7.21 18.28 0.31
N LYS A 40 7.68 19.39 0.90
CA LYS A 40 9.10 19.60 1.10
C LYS A 40 9.57 19.05 2.44
N ASN A 41 10.87 18.73 2.50
CA ASN A 41 11.57 18.47 3.76
C ASN A 41 11.07 17.25 4.57
N ILE A 42 10.80 16.15 3.86
CA ILE A 42 10.38 14.90 4.51
C ILE A 42 11.62 14.06 4.84
N PRO A 43 11.81 13.70 6.13
CA PRO A 43 12.96 12.88 6.56
C PRO A 43 13.02 11.55 5.82
N TYR A 44 14.19 11.21 5.28
CA TYR A 44 14.31 10.09 4.35
C TYR A 44 15.76 9.75 4.03
N GLY A 45 16.05 8.45 3.96
CA GLY A 45 17.38 7.97 3.59
C GLY A 45 18.46 8.66 4.39
N ASN A 46 19.39 9.29 3.68
CA ASN A 46 20.54 9.95 4.29
C ASN A 46 20.33 11.40 4.71
N SER A 47 19.21 11.98 4.28
CA SER A 47 18.84 13.35 4.64
C SER A 47 17.31 13.55 4.61
N SER A 48 16.83 14.20 3.54
CA SER A 48 15.42 14.48 3.39
C SER A 48 15.06 14.40 1.92
N ILE A 49 13.76 14.40 1.63
CA ILE A 49 13.30 14.43 0.27
C ILE A 49 12.17 15.43 0.10
N GLU A 50 12.06 15.93 -1.11
CA GLU A 50 10.82 16.52 -1.58
C GLU A 50 10.00 15.38 -2.17
N LEU A 51 8.75 15.26 -1.72
CA LEU A 51 7.85 14.22 -2.21
C LEU A 51 6.84 14.82 -3.19
N LYS A 52 6.79 14.28 -4.40
CA LYS A 52 5.77 14.67 -5.38
C LYS A 52 4.66 13.62 -5.40
N VAL A 53 3.48 13.99 -4.90
CA VAL A 53 2.37 13.04 -4.82
C VAL A 53 1.45 13.27 -6.02
N GLU A 54 1.28 12.24 -6.84
CA GLU A 54 0.47 12.36 -8.05
C GLU A 54 -0.87 11.69 -7.85
N MSE A 55 -1.93 12.38 -8.23
CA MSE A 55 -3.23 11.75 -8.27
C MSE A 55 -3.74 11.71 -9.70
O MSE A 55 -3.10 12.28 -10.59
CB MSE A 55 -4.19 12.42 -7.31
CG MSE A 55 -3.90 11.92 -5.87
SE MSE A 55 -4.47 13.10 -4.53
CE MSE A 55 -3.54 14.75 -4.99
N ASN A 56 -4.85 11.02 -9.92
CA ASN A 56 -5.29 10.73 -11.28
C ASN A 56 -6.09 11.86 -11.92
N SER A 57 -6.28 12.96 -11.18
CA SER A 57 -7.03 14.08 -11.74
C SER A 57 -6.61 15.43 -11.18
N VAL A 58 -6.75 16.45 -12.01
CA VAL A 58 -6.56 17.83 -11.60
C VAL A 58 -7.54 18.18 -10.49
N GLU A 59 -8.77 17.68 -10.59
CA GLU A 59 -9.78 17.96 -9.57
C GLU A 59 -9.29 17.55 -8.18
N LYS A 60 -8.70 16.36 -8.07
CA LYS A 60 -8.17 15.87 -6.78
C LYS A 60 -7.03 16.72 -6.22
N ALA A 61 -6.03 17.01 -7.04
CA ALA A 61 -4.93 17.85 -6.60
C ALA A 61 -5.44 19.22 -6.13
N ASN A 62 -6.36 19.80 -6.88
CA ASN A 62 -6.94 21.08 -6.50
C ASN A 62 -7.69 21.00 -5.17
N PHE A 63 -8.37 19.88 -4.94
CA PHE A 63 -9.15 19.72 -3.73
C PHE A 63 -8.27 19.76 -2.48
N PHE A 64 -7.14 19.07 -2.53
CA PHE A 64 -6.28 19.00 -1.34
C PHE A 64 -5.32 20.17 -1.22
N SER A 65 -5.18 20.93 -2.30
CA SER A 65 -4.23 22.04 -2.31
C SER A 65 -4.51 23.05 -1.20
N GLY A 66 -3.48 23.36 -0.43
CA GLY A 66 -3.58 24.35 0.64
C GLY A 66 -4.23 23.84 1.93
N LYS A 67 -4.60 22.57 1.96
CA LYS A 67 -5.20 21.95 3.15
C LYS A 67 -4.21 21.04 3.84
N ARG A 68 -4.36 20.92 5.16
CA ARG A 68 -3.51 20.00 5.91
C ARG A 68 -3.91 18.58 5.57
N VAL A 69 -2.91 17.75 5.26
CA VAL A 69 -3.13 16.34 4.96
C VAL A 69 -2.20 15.41 5.72
N ASP A 70 -2.66 14.18 5.90
CA ASP A 70 -1.75 13.08 6.25
C ASP A 70 -1.42 12.32 4.99
N ILE A 71 -0.18 11.86 4.90
CA ILE A 71 0.28 11.07 3.75
C ILE A 71 0.72 9.71 4.26
N PHE A 72 0.29 8.66 3.56
CA PHE A 72 0.78 7.32 3.80
C PHE A 72 0.94 6.70 2.43
N THR A 73 2.18 6.51 2.00
CA THR A 73 2.42 6.19 0.60
C THR A 73 3.71 5.40 0.39
N LEU A 74 3.75 4.68 -0.72
CA LEU A 74 4.99 4.02 -1.18
C LEU A 74 5.61 4.87 -2.28
N GLU A 75 6.86 5.26 -2.07
CA GLU A 75 7.52 6.17 -3.02
C GLU A 75 8.33 5.41 -4.06
N TYR A 76 8.71 6.11 -5.13
CA TYR A 76 9.60 5.54 -6.14
C TYR A 76 10.53 6.60 -6.72
N SER A 77 11.56 6.17 -7.43
CA SER A 77 12.57 7.07 -7.99
C SER A 77 12.08 7.74 -9.28
N PRO A 78 12.06 9.09 -9.30
CA PRO A 78 11.55 9.87 -10.41
C PRO A 78 12.58 10.73 -11.12
N PRO A 79 12.34 11.11 -12.39
CA PRO A 79 12.04 10.35 -13.57
C PRO A 79 13.37 10.57 -14.31
N SER A 80 14.42 10.33 -13.52
CA SER A 80 15.80 10.79 -13.70
C SER A 80 16.37 10.53 -12.31
N ASN A 81 16.62 11.59 -11.54
CA ASN A 81 16.42 11.56 -10.07
C ASN A 81 16.00 12.93 -9.46
N SER A 82 16.55 13.43 -8.34
CA SER A 82 17.75 12.96 -7.65
C SER A 82 17.44 12.00 -6.49
N ASN A 83 18.37 11.90 -5.54
CA ASN A 83 18.16 11.10 -4.34
C ASN A 83 17.39 11.87 -3.24
N ILE A 84 17.24 13.18 -3.42
CA ILE A 84 16.47 14.00 -2.48
C ILE A 84 15.11 14.44 -3.06
N LYS A 85 14.70 13.77 -4.12
CA LYS A 85 13.35 13.95 -4.68
C LYS A 85 12.77 12.58 -4.98
N LYS A 86 11.56 12.33 -4.48
CA LYS A 86 10.88 11.07 -4.76
C LYS A 86 9.45 11.33 -5.20
N ASN A 87 8.90 10.38 -5.93
CA ASN A 87 7.53 10.45 -6.47
C ASN A 87 6.67 9.41 -5.77
N SER A 88 5.36 9.63 -5.76
CA SER A 88 4.44 8.63 -5.24
C SER A 88 3.09 8.84 -5.87
N TYR A 89 2.17 7.92 -5.58
CA TYR A 89 0.81 8.04 -6.08
C TYR A 89 -0.16 8.01 -4.92
N GLY A 90 -1.06 9.00 -4.86
CA GLY A 90 -2.14 9.03 -3.87
C GLY A 90 -1.60 8.93 -2.43
N GLY A 91 -2.40 8.33 -1.55
CA GLY A 91 -2.00 8.21 -0.13
C GLY A 91 -2.37 9.38 0.75
N ILE A 92 -3.22 10.28 0.24
CA ILE A 92 -3.51 11.53 0.94
C ILE A 92 -4.90 11.55 1.55
N THR A 93 -4.99 11.97 2.82
CA THR A 93 -6.29 12.20 3.46
C THR A 93 -6.27 13.51 4.20
N LEU A 94 -7.39 14.23 4.18
CA LEU A 94 -7.48 15.44 4.99
C LEU A 94 -7.14 15.15 6.46
N SER A 95 -6.40 16.07 7.08
CA SER A 95 -6.03 15.97 8.51
C SER A 95 -7.16 16.40 9.44
N ASP A 96 -7.78 17.52 9.10
CA ASP A 96 -8.65 18.19 10.06
C ASP A 96 -9.84 17.28 10.39
N GLY A 97 -10.00 17.03 11.68
CA GLY A 97 -11.07 16.18 12.21
C GLY A 97 -10.97 14.69 11.87
N ASN A 98 -9.81 14.24 11.37
CA ASN A 98 -9.70 12.85 10.91
C ASN A 98 -9.00 11.90 11.87
N ARG A 99 -8.48 12.41 12.99
CA ARG A 99 -7.70 11.59 13.89
C ARG A 99 -8.61 10.78 14.82
N ILE A 100 -8.27 9.50 14.96
CA ILE A 100 -8.86 8.58 15.96
C ILE A 100 -7.76 7.71 16.58
N ASP A 101 -8.00 7.14 17.76
CA ASP A 101 -7.08 6.15 18.34
C ASP A 101 -7.14 4.90 17.46
N LYS A 102 -6.05 4.16 17.37
CA LYS A 102 -5.95 3.04 16.43
C LYS A 102 -7.23 2.19 16.38
N LYS A 103 -7.79 2.06 15.18
CA LYS A 103 -8.95 1.22 14.87
C LYS A 103 -8.48 0.00 14.08
N ASN A 104 -8.72 -1.21 14.59
CA ASN A 104 -8.39 -2.41 13.82
C ASN A 104 -9.42 -2.63 12.70
N ILE A 105 -8.95 -2.95 11.51
CA ILE A 105 -9.87 -3.27 10.42
C ILE A 105 -10.19 -4.77 10.49
N PRO A 106 -11.47 -5.16 10.36
CA PRO A 106 -11.74 -6.61 10.30
C PRO A 106 -11.03 -7.24 9.12
N VAL A 107 -10.29 -8.31 9.37
CA VAL A 107 -9.53 -9.03 8.33
C VAL A 107 -9.84 -10.52 8.40
N ASN A 108 -10.16 -11.11 7.25
CA ASN A 108 -10.23 -12.56 7.10
C ASN A 108 -9.17 -13.00 6.11
N ILE A 109 -8.42 -14.05 6.44
CA ILE A 109 -7.43 -14.62 5.51
C ILE A 109 -7.85 -16.05 5.18
N PHE A 110 -7.94 -16.36 3.89
CA PHE A 110 -8.31 -17.70 3.42
C PHE A 110 -7.23 -18.30 2.54
N ILE A 111 -7.04 -19.61 2.62
CA ILE A 111 -6.26 -20.35 1.64
C ILE A 111 -7.20 -21.39 1.04
N ASP A 112 -7.50 -21.25 -0.25
CA ASP A 112 -8.53 -22.03 -0.91
C ASP A 112 -9.80 -22.16 -0.08
N GLY A 113 -10.23 -21.02 0.44
CA GLY A 113 -11.48 -20.93 1.18
C GLY A 113 -11.44 -21.39 2.62
N VAL A 114 -10.25 -21.80 3.09
CA VAL A 114 -10.08 -22.27 4.46
C VAL A 114 -9.50 -21.14 5.31
N GLN A 115 -10.26 -20.68 6.30
CA GLN A 115 -9.83 -19.55 7.12
C GLN A 115 -8.57 -19.86 7.91
N GLN A 116 -7.72 -18.83 8.03
CA GLN A 116 -6.42 -18.95 8.72
C GLN A 116 -6.41 -18.10 9.98
N LYS A 117 -5.46 -18.38 10.87
CA LYS A 117 -5.25 -17.52 12.02
C LYS A 117 -4.93 -16.09 11.61
N TYR A 118 -5.49 -15.15 12.37
CA TYR A 118 -5.17 -13.74 12.23
C TYR A 118 -5.24 -13.08 13.60
N SER A 119 -4.18 -12.37 13.97
CA SER A 119 -4.13 -11.75 15.29
C SER A 119 -4.53 -10.28 15.26
N TYR A 120 -5.40 -9.89 16.20
CA TYR A 120 -5.79 -8.50 16.40
C TYR A 120 -5.00 -7.79 17.48
N THR A 121 -4.04 -8.49 18.06
CA THR A 121 -3.38 -7.95 19.26
C THR A 121 -1.91 -7.70 19.04
N ASP A 122 -1.51 -7.63 17.78
CA ASP A 122 -0.14 -7.34 17.42
C ASP A 122 0.07 -5.91 16.95
N ILE A 123 1.34 -5.51 16.96
CA ILE A 123 1.76 -4.25 16.35
C ILE A 123 1.41 -4.20 14.85
N SER A 124 1.61 -5.31 14.13
CA SER A 124 1.38 -5.37 12.65
C SER A 124 -0.05 -5.75 12.27
N THR A 125 -0.91 -5.97 13.26
CA THR A 125 -2.35 -6.07 13.03
C THR A 125 -2.74 -4.87 12.18
N VAL A 126 -3.58 -5.09 11.16
CA VAL A 126 -4.01 -4.01 10.26
C VAL A 126 -4.89 -3.02 11.01
N SER A 127 -4.40 -1.80 11.14
CA SER A 127 -5.13 -0.79 11.88
C SER A 127 -4.80 0.57 11.32
N THR A 128 -5.57 1.56 11.76
CA THR A 128 -5.30 2.93 11.34
C THR A 128 -5.79 3.93 12.38
N ASP A 129 -5.12 5.07 12.40
CA ASP A 129 -5.45 6.17 13.28
C ASP A 129 -6.31 7.23 12.58
N LYS A 130 -6.97 6.82 11.51
CA LYS A 130 -7.72 7.73 10.64
C LYS A 130 -9.19 7.35 10.49
N LYS A 131 -10.08 8.33 10.63
CA LYS A 131 -11.49 8.13 10.34
C LYS A 131 -11.70 7.71 8.87
N GLU A 132 -11.12 8.48 7.95
CA GLU A 132 -11.10 8.16 6.54
C GLU A 132 -9.68 7.80 6.19
N VAL A 133 -9.51 6.61 5.61
CA VAL A 133 -8.17 6.05 5.35
C VAL A 133 -8.06 5.64 3.87
N THR A 134 -6.88 5.76 3.27
CA THR A 134 -6.72 5.28 1.90
C THR A 134 -6.66 3.76 1.84
N ILE A 135 -7.18 3.21 0.75
CA ILE A 135 -7.01 1.79 0.47
C ILE A 135 -5.52 1.45 0.38
N GLN A 136 -4.72 2.37 -0.19
CA GLN A 136 -3.26 2.16 -0.26
C GLN A 136 -2.67 1.83 1.13
N GLU A 137 -2.98 2.64 2.14
CA GLU A 137 -2.49 2.40 3.49
C GLU A 137 -2.90 1.00 3.98
N LEU A 138 -4.15 0.63 3.76
CA LEU A 138 -4.61 -0.68 4.24
C LEU A 138 -3.97 -1.84 3.44
N ASP A 139 -3.78 -1.63 2.14
CA ASP A 139 -3.13 -2.62 1.30
C ASP A 139 -1.71 -2.84 1.75
N VAL A 140 -0.96 -1.75 1.95
CA VAL A 140 0.43 -1.88 2.42
C VAL A 140 0.48 -2.65 3.74
N LYS A 141 -0.38 -2.27 4.69
CA LYS A 141 -0.37 -2.92 6.01
C LYS A 141 -0.77 -4.39 5.91
N SER A 142 -1.78 -4.69 5.08
CA SER A 142 -2.27 -6.06 4.93
C SER A 142 -1.21 -6.95 4.29
N ARG A 143 -0.58 -6.47 3.21
CA ARG A 143 0.39 -7.30 2.50
C ARG A 143 1.63 -7.52 3.34
N TYR A 144 1.98 -6.53 4.17
CA TYR A 144 3.12 -6.72 5.10
C TYR A 144 2.77 -7.83 6.10
N TYR A 145 1.56 -7.77 6.66
CA TYR A 145 1.14 -8.83 7.59
C TYR A 145 1.20 -10.19 6.90
N LEU A 146 0.70 -10.25 5.66
CA LEU A 146 0.72 -11.48 4.87
C LEU A 146 2.11 -12.02 4.62
N GLN A 147 3.05 -11.13 4.30
CA GLN A 147 4.41 -11.59 4.04
C GLN A 147 5.03 -12.11 5.34
N LYS A 148 4.82 -11.37 6.41
CA LYS A 148 5.35 -11.73 7.74
C LYS A 148 4.85 -13.10 8.24
N HIS A 149 3.56 -13.36 8.06
CA HIS A 149 2.96 -14.57 8.60
C HIS A 149 2.72 -15.72 7.60
N PHE A 150 2.72 -15.42 6.29
CA PHE A 150 2.42 -16.44 5.29
C PHE A 150 3.46 -16.53 4.19
N ASN A 151 4.42 -15.59 4.19
CA ASN A 151 5.56 -15.62 3.26
C ASN A 151 5.05 -15.68 1.82
N ILE A 152 4.01 -14.89 1.51
CA ILE A 152 3.36 -15.02 0.20
C ILE A 152 4.27 -14.71 -0.99
N TYR A 153 5.25 -13.84 -0.74
CA TYR A 153 6.16 -13.36 -1.79
C TYR A 153 7.52 -14.06 -1.76
N GLY A 154 7.72 -14.95 -0.80
CA GLY A 154 8.93 -15.78 -0.81
C GLY A 154 10.05 -15.15 -0.03
N PHE A 155 10.99 -16.00 0.40
CA PHE A 155 12.22 -15.60 1.11
C PHE A 155 12.05 -15.07 2.53
N GLY A 156 10.84 -15.19 3.07
CA GLY A 156 10.61 -14.90 4.48
C GLY A 156 10.84 -16.13 5.33
N ASP A 157 10.55 -16.00 6.62
CA ASP A 157 10.88 -17.06 7.60
C ASP A 157 9.86 -18.20 7.70
N VAL A 158 8.63 -17.95 7.25
CA VAL A 158 7.56 -18.93 7.37
C VAL A 158 7.61 -19.96 6.24
N LYS A 159 7.87 -21.22 6.61
CA LYS A 159 8.06 -22.27 5.63
C LYS A 159 6.85 -23.21 5.53
N ASP A 160 5.77 -22.91 6.26
CA ASP A 160 4.58 -23.75 6.35
C ASP A 160 3.98 -24.15 5.00
N PHE A 161 4.10 -23.28 4.01
CA PHE A 161 3.35 -23.45 2.77
C PHE A 161 4.21 -23.83 1.58
N GLY A 162 5.50 -24.07 1.84
CA GLY A 162 6.40 -24.47 0.78
C GLY A 162 6.98 -23.28 0.04
N ARG A 163 7.56 -23.56 -1.11
CA ARG A 163 8.32 -22.56 -1.86
C ARG A 163 8.35 -22.85 -3.35
N SER A 164 7.32 -23.54 -3.84
CA SER A 164 7.28 -24.03 -5.22
C SER A 164 6.75 -23.06 -6.29
N SER A 165 6.10 -21.98 -5.87
CA SER A 165 5.51 -21.04 -6.82
C SER A 165 6.57 -20.23 -7.55
N ARG A 166 6.14 -19.44 -8.54
CA ARG A 166 7.07 -18.53 -9.23
C ARG A 166 7.55 -17.36 -8.34
N PHE A 167 6.94 -17.21 -7.16
CA PHE A 167 7.40 -16.27 -6.14
C PHE A 167 8.26 -16.96 -5.10
N GLN A 168 8.66 -18.19 -5.39
CA GLN A 168 9.44 -18.99 -4.43
C GLN A 168 8.69 -19.12 -3.08
N SER A 169 7.38 -19.29 -3.18
CA SER A 169 6.51 -19.35 -2.01
C SER A 169 5.42 -20.39 -2.20
N GLY A 170 4.48 -20.45 -1.26
CA GLY A 170 3.33 -21.34 -1.39
C GLY A 170 2.28 -20.87 -2.39
N PHE A 171 2.44 -19.65 -2.91
CA PHE A 171 1.37 -18.96 -3.64
C PHE A 171 1.87 -18.15 -4.81
N GLU A 172 1.05 -18.08 -5.87
CA GLU A 172 1.26 -17.12 -6.96
C GLU A 172 -0.07 -16.62 -7.50
N GLU A 173 -1.14 -16.84 -6.73
CA GLU A 173 -2.48 -16.41 -7.13
C GLU A 173 -3.28 -16.04 -5.88
N GLY A 174 -4.06 -14.98 -5.99
CA GLY A 174 -4.92 -14.56 -4.89
C GLY A 174 -5.22 -13.08 -4.97
N ASN A 175 -6.38 -12.70 -4.43
CA ASN A 175 -6.80 -11.31 -4.40
C ASN A 175 -7.04 -10.80 -2.98
N ILE A 176 -6.78 -9.51 -2.81
CA ILE A 176 -7.17 -8.81 -1.59
C ILE A 176 -8.41 -8.00 -1.92
N ILE A 177 -9.42 -8.12 -1.07
CA ILE A 177 -10.72 -7.49 -1.31
C ILE A 177 -11.00 -6.52 -0.19
N PHE A 178 -11.27 -5.27 -0.54
CA PHE A 178 -11.72 -4.27 0.40
C PHE A 178 -13.22 -4.10 0.17
N HIS A 179 -14.01 -4.59 1.13
CA HIS A 179 -15.48 -4.57 1.05
C HIS A 179 -15.99 -3.35 1.75
N LEU A 180 -16.40 -2.34 1.00
CA LEU A 180 -16.94 -1.14 1.63
C LEU A 180 -18.39 -1.34 2.01
N ASN A 181 -18.82 -0.63 3.03
CA ASN A 181 -20.20 -0.64 3.52
C ASN A 181 -21.21 -0.46 2.40
N SER A 182 -20.87 0.43 1.46
CA SER A 182 -21.71 0.74 0.30
C SER A 182 -22.07 -0.49 -0.55
N GLY A 183 -21.32 -1.57 -0.40
CA GLY A 183 -21.47 -2.76 -1.23
C GLY A 183 -20.36 -2.87 -2.26
N GLU A 184 -19.65 -1.75 -2.46
CA GLU A 184 -18.51 -1.70 -3.38
C GLU A 184 -17.40 -2.61 -2.91
N ARG A 185 -16.85 -3.36 -3.84
CA ARG A 185 -15.76 -4.30 -3.59
C ARG A 185 -14.59 -3.83 -4.42
N ILE A 186 -13.48 -3.51 -3.75
CA ILE A 186 -12.27 -3.16 -4.44
C ILE A 186 -11.38 -4.39 -4.37
N SER A 187 -10.96 -4.88 -5.53
CA SER A 187 -10.21 -6.12 -5.58
C SER A 187 -8.90 -5.91 -6.33
N TYR A 188 -7.78 -6.26 -5.68
CA TYR A 188 -6.48 -6.23 -6.33
C TYR A 188 -5.89 -7.65 -6.39
N ASN A 189 -5.32 -7.98 -7.54
CA ASN A 189 -4.55 -9.22 -7.68
C ASN A 189 -3.22 -9.05 -6.96
N MSE A 190 -3.01 -9.83 -5.91
CA MSE A 190 -1.81 -9.66 -5.08
C MSE A 190 -0.50 -10.07 -5.74
O MSE A 190 0.57 -9.81 -5.21
CB MSE A 190 -1.98 -10.41 -3.74
CG MSE A 190 -3.05 -9.77 -2.85
SE MSE A 190 -3.10 -10.67 -1.12
CE MSE A 190 -3.93 -12.34 -1.68
N PHE A 191 -0.60 -10.72 -6.90
CA PHE A 191 0.56 -11.28 -7.59
C PHE A 191 0.69 -10.69 -8.99
N ASP A 192 0.19 -9.47 -9.14
CA ASP A 192 0.29 -8.75 -10.39
C ASP A 192 1.56 -7.89 -10.35
N THR A 193 2.51 -8.18 -11.23
CA THR A 193 3.79 -7.46 -11.26
C THR A 193 3.77 -6.26 -12.20
N GLY A 194 2.58 -5.93 -12.70
CA GLY A 194 2.42 -4.83 -13.64
C GLY A 194 3.38 -4.93 -14.81
N HIS A 195 4.02 -3.81 -15.15
CA HIS A 195 4.98 -3.79 -16.26
C HIS A 195 6.41 -4.11 -15.80
N GLY A 196 6.53 -4.63 -14.59
CA GLY A 196 7.80 -5.09 -14.03
C GLY A 196 8.43 -4.10 -13.09
N ASP A 197 8.24 -2.82 -13.38
CA ASP A 197 8.82 -1.74 -12.60
C ASP A 197 7.93 -1.32 -11.43
N ARG A 198 8.56 -0.80 -10.39
CA ARG A 198 7.88 -0.32 -9.20
C ARG A 198 6.75 0.68 -9.51
N GLU A 199 7.04 1.68 -10.35
CA GLU A 199 6.06 2.71 -10.67
C GLU A 199 4.77 2.12 -11.26
N SER A 200 4.91 1.13 -12.14
CA SER A 200 3.75 0.55 -12.81
C SER A 200 2.81 -0.13 -11.82
N MSE A 201 3.38 -0.60 -10.72
CA MSE A 201 2.63 -1.30 -9.68
C MSE A 201 1.99 -0.35 -8.68
O MSE A 201 1.13 -0.75 -7.89
CB MSE A 201 3.55 -2.24 -8.94
CG MSE A 201 4.04 -3.37 -9.80
SE MSE A 201 5.00 -4.65 -8.74
CE MSE A 201 6.76 -3.86 -8.78
N LEU A 202 2.44 0.89 -8.69
CA LEU A 202 1.95 1.86 -7.72
C LEU A 202 0.89 2.76 -8.34
N LYS A 203 0.82 2.75 -9.66
CA LYS A 203 -0.10 3.64 -10.36
C LYS A 203 -1.56 3.41 -9.97
N LYS A 204 -1.92 2.18 -9.62
CA LYS A 204 -3.29 1.85 -9.14
C LYS A 204 -3.73 2.79 -8.03
N TYR A 205 -2.77 3.21 -7.21
CA TYR A 205 -3.07 4.03 -6.03
C TYR A 205 -3.32 5.51 -6.36
N SER A 206 -3.12 5.89 -7.62
CA SER A 206 -3.34 7.27 -8.05
C SER A 206 -4.79 7.72 -7.88
N ASP A 207 -5.72 6.78 -7.81
CA ASP A 207 -7.13 7.14 -7.57
C ASP A 207 -7.39 7.70 -6.17
N ASN A 208 -6.40 7.52 -5.27
CA ASN A 208 -6.51 8.03 -3.90
C ASN A 208 -7.80 7.52 -3.24
N LYS A 209 -8.20 6.30 -3.60
CA LYS A 209 -9.45 5.74 -3.08
C LYS A 209 -9.40 5.61 -1.56
N THR A 210 -10.46 6.05 -0.90
CA THR A 210 -10.56 5.98 0.55
C THR A 210 -11.79 5.21 1.00
N ALA A 211 -11.76 4.81 2.26
CA ALA A 211 -12.90 4.21 2.93
C ALA A 211 -12.93 4.76 4.35
N TYR A 212 -14.11 4.80 4.96
CA TYR A 212 -14.13 5.01 6.40
C TYR A 212 -13.64 3.76 7.12
N SER A 213 -12.78 3.93 8.13
CA SER A 213 -12.11 2.77 8.72
C SER A 213 -13.03 1.84 9.50
N ASP A 214 -14.23 2.30 9.83
CA ASP A 214 -15.21 1.46 10.49
C ASP A 214 -16.35 1.07 9.54
N GLN A 215 -16.08 1.21 8.25
CA GLN A 215 -17.09 0.95 7.21
C GLN A 215 -16.56 -0.03 6.16
N LEU A 216 -15.59 -0.85 6.54
CA LEU A 216 -15.13 -1.88 5.62
C LEU A 216 -14.56 -3.09 6.34
N HIS A 217 -14.50 -4.18 5.61
CA HIS A 217 -13.69 -5.30 6.04
C HIS A 217 -12.81 -5.75 4.89
N ILE A 218 -11.75 -6.46 5.23
CA ILE A 218 -10.80 -6.94 4.26
C ILE A 218 -10.84 -8.45 4.25
N ASP A 219 -11.01 -9.00 3.05
CA ASP A 219 -10.90 -10.44 2.84
C ASP A 219 -9.73 -10.72 1.90
N ILE A 220 -8.91 -11.66 2.31
CA ILE A 220 -7.74 -12.05 1.54
C ILE A 220 -7.95 -13.49 1.08
N TYR A 221 -8.00 -13.69 -0.24
CA TYR A 221 -8.21 -15.03 -0.81
C TYR A 221 -6.96 -15.49 -1.53
N LEU A 222 -6.18 -16.34 -0.85
CA LEU A 222 -5.02 -16.98 -1.43
C LEU A 222 -5.38 -18.30 -2.06
N VAL A 223 -4.70 -18.63 -3.15
CA VAL A 223 -4.87 -19.90 -3.82
C VAL A 223 -3.54 -20.61 -3.67
N LYS A 224 -3.55 -21.77 -3.03
CA LYS A 224 -2.32 -22.54 -2.83
C LYS A 224 -1.79 -23.01 -4.19
N PHE A 225 -0.50 -22.81 -4.43
CA PHE A 225 0.13 -23.29 -5.64
C PHE A 225 0.30 -24.81 -5.57
N ASN A 226 -0.18 -25.49 -6.60
CA ASN A 226 0.05 -26.91 -6.78
C ASN A 226 0.88 -27.05 -8.03
N LYS A 227 1.93 -27.88 -7.96
CA LYS A 227 2.88 -28.09 -9.06
C LYS A 227 4.31 -27.95 -8.57
MG MG B . -16.31 -10.15 2.85
#